data_4Y59
#
_entry.id   4Y59
#
_cell.length_a   57.843
_cell.length_b   84.353
_cell.length_c   46.156
_cell.angle_alpha   90.00
_cell.angle_beta   98.92
_cell.angle_gamma   90.00
#
_symmetry.space_group_name_H-M   'P 1 21 1'
#
loop_
_entity.id
_entity.type
_entity.pdbx_description
1 polymer Streptavidin
2 non-polymer 2-[3-(trifluoromethyl)phenyl]furo[3,2-c]pyridin-4(5H)-one
3 water water
#
_entity_poly.entity_id   1
_entity_poly.type   'polypeptide(L)'
_entity_poly.pdbx_seq_one_letter_code
;AGITGTWYNQLGSTFIVTAGADGALTGTYESAVGNAESRYVLTGRYDSAPATDGSGTALGWTVAWKNNYRNAHSATTWSG
QYVGGAEARINTQWLLTSGTTEANAWKSTLVGHDTFTKVKP
;
_entity_poly.pdbx_strand_id   A,B,C,D
#
loop_
_chem_comp.id
_chem_comp.type
_chem_comp.name
_chem_comp.formula
T21 non-polymer 2-[3-(trifluoromethyl)phenyl]furo[3,2-c]pyridin-4(5H)-one 'C14 H8 F3 N O2'
#
# COMPACT_ATOMS: atom_id res chain seq x y z
N ALA A 1 25.53 -10.38 -11.95
CA ALA A 1 25.22 -8.98 -11.43
C ALA A 1 25.07 -7.76 -12.42
N GLY A 2 23.83 -7.61 -12.90
CA GLY A 2 22.83 -8.49 -12.30
C GLY A 2 22.47 -7.90 -10.94
N ILE A 3 21.79 -8.70 -10.15
CA ILE A 3 21.31 -8.26 -8.85
C ILE A 3 22.45 -8.17 -7.84
N THR A 4 23.37 -9.15 -7.84
CA THR A 4 24.43 -9.09 -6.85
C THR A 4 25.17 -7.78 -6.94
N GLY A 5 25.41 -7.11 -5.84
CA GLY A 5 26.23 -5.91 -5.85
C GLY A 5 25.83 -4.99 -4.71
N THR A 6 26.29 -3.74 -4.77
CA THR A 6 26.04 -2.69 -3.82
C THR A 6 25.15 -1.65 -4.52
N TRP A 7 23.98 -1.40 -3.94
CA TRP A 7 22.95 -0.50 -4.46
C TRP A 7 22.64 0.56 -3.47
N TYR A 8 22.10 1.68 -3.98
CA TYR A 8 21.75 2.80 -3.13
C TYR A 8 20.36 3.30 -3.56
N ASN A 9 19.55 3.68 -2.57
CA ASN A 9 18.27 4.25 -2.89
C ASN A 9 18.36 5.77 -2.93
N GLN A 10 17.23 6.39 -3.20
CA GLN A 10 17.14 7.78 -3.49
C GLN A 10 17.43 8.55 -2.36
N LEU A 11 17.41 8.00 -1.13
CA LEU A 11 17.90 8.63 0.02
C LEU A 11 19.34 8.30 0.39
N GLY A 12 20.03 7.53 -0.40
CA GLY A 12 21.33 7.17 0.06
C GLY A 12 21.45 6.01 1.07
N SER A 13 20.40 5.23 1.38
CA SER A 13 20.58 3.96 2.07
C SER A 13 21.37 3.05 1.16
N THR A 14 22.11 2.15 1.81
CA THR A 14 23.02 1.20 1.12
C THR A 14 22.53 -0.23 1.27
N PHE A 15 22.35 -0.90 0.15
CA PHE A 15 21.77 -2.22 0.05
C PHE A 15 22.85 -3.12 -0.60
N ILE A 16 23.46 -3.97 0.23
CA ILE A 16 24.56 -4.86 -0.23
C ILE A 16 23.97 -6.23 -0.32
N VAL A 17 23.87 -6.82 -1.52
CA VAL A 17 23.13 -8.05 -1.67
C VAL A 17 23.86 -9.01 -2.54
N THR A 18 23.66 -10.32 -2.28
CA THR A 18 24.13 -11.41 -3.10
C THR A 18 22.91 -12.21 -3.51
N ALA A 19 22.78 -12.46 -4.80
CA ALA A 19 21.76 -13.30 -5.34
C ALA A 19 22.29 -14.73 -5.53
N GLY A 20 21.84 -15.68 -4.79
CA GLY A 20 22.33 -17.04 -4.89
C GLY A 20 21.70 -17.83 -5.95
N ALA A 21 22.34 -18.89 -6.37
CA ALA A 21 21.83 -19.73 -7.42
C ALA A 21 20.50 -20.37 -6.99
N ASP A 22 20.29 -20.54 -5.70
CA ASP A 22 19.06 -21.12 -5.14
C ASP A 22 17.85 -20.14 -5.04
N GLY A 23 17.96 -18.91 -5.60
CA GLY A 23 16.89 -17.93 -5.51
C GLY A 23 16.94 -17.07 -4.24
N ALA A 24 17.93 -17.24 -3.42
CA ALA A 24 18.07 -16.49 -2.18
C ALA A 24 18.68 -15.12 -2.43
N LEU A 25 18.24 -14.14 -1.65
CA LEU A 25 18.92 -12.88 -1.47
C LEU A 25 19.47 -12.81 -0.05
N THR A 26 20.72 -12.43 0.11
N THR A 26 20.74 -12.43 0.11
CA THR A 26 21.31 -12.32 1.41
CA THR A 26 21.36 -12.33 1.42
C THR A 26 22.21 -11.10 1.42
C THR A 26 22.22 -11.10 1.44
N GLY A 27 22.31 -10.39 2.56
CA GLY A 27 23.20 -9.28 2.61
C GLY A 27 22.93 -8.36 3.77
N THR A 28 23.25 -7.08 3.58
CA THR A 28 23.12 -6.11 4.64
C THR A 28 22.49 -4.82 4.10
N TYR A 29 21.80 -4.14 5.02
CA TYR A 29 21.14 -2.88 4.67
C TYR A 29 21.56 -1.84 5.68
N GLU A 30 21.92 -0.65 5.19
CA GLU A 30 22.32 0.47 6.04
C GLU A 30 21.48 1.67 5.69
N SER A 31 20.69 2.17 6.65
CA SER A 31 19.65 3.22 6.29
C SER A 31 20.11 4.67 6.39
N ALA A 32 19.71 5.52 5.42
CA ALA A 32 19.99 6.97 5.50
C ALA A 32 19.02 7.71 6.46
N VAL A 33 17.92 7.06 6.87
CA VAL A 33 16.88 7.67 7.69
C VAL A 33 16.41 6.78 8.80
N GLY A 34 15.77 7.39 9.78
CA GLY A 34 14.98 6.64 10.78
C GLY A 34 15.82 6.26 11.97
N ASN A 35 15.23 5.44 12.83
CA ASN A 35 15.95 4.99 14.02
C ASN A 35 16.82 3.79 13.69
N ALA A 36 17.98 4.08 13.12
CA ALA A 36 18.90 3.07 12.46
C ALA A 36 20.31 3.51 12.57
N GLU A 37 21.20 2.56 12.89
CA GLU A 37 22.64 2.79 13.00
C GLU A 37 23.36 1.55 12.52
N SER A 38 24.32 1.71 11.64
N SER A 38 24.35 1.70 11.68
CA SER A 38 25.11 0.67 11.09
CA SER A 38 25.16 0.68 11.13
C SER A 38 24.22 -0.25 10.22
C SER A 38 24.23 -0.27 10.28
N ARG A 39 24.77 -1.40 9.94
CA ARG A 39 24.12 -2.29 9.16
C ARG A 39 23.12 -3.24 9.85
N TYR A 40 22.17 -3.73 9.08
CA TYR A 40 21.16 -4.71 9.53
C TYR A 40 21.20 -5.85 8.54
N VAL A 41 20.89 -7.05 9.06
CA VAL A 41 20.79 -8.23 8.21
C VAL A 41 19.58 -8.12 7.30
N LEU A 42 19.72 -8.60 6.05
CA LEU A 42 18.55 -8.79 5.18
C LEU A 42 18.56 -10.21 4.63
N THR A 43 17.34 -10.68 4.32
CA THR A 43 17.19 -11.89 3.55
C THR A 43 15.99 -11.74 2.66
N GLY A 44 15.99 -12.38 1.51
CA GLY A 44 14.87 -12.34 0.60
C GLY A 44 14.95 -13.39 -0.47
N ARG A 45 14.17 -13.21 -1.51
CA ARG A 45 14.08 -14.17 -2.62
C ARG A 45 13.98 -13.40 -3.91
N TYR A 46 14.40 -14.05 -5.00
CA TYR A 46 14.24 -13.45 -6.34
C TYR A 46 13.95 -14.57 -7.34
N ASP A 47 13.38 -14.19 -8.47
CA ASP A 47 13.13 -15.15 -9.52
C ASP A 47 14.43 -15.46 -10.26
N SER A 48 14.92 -16.66 -10.10
CA SER A 48 16.22 -16.99 -10.72
C SER A 48 16.09 -17.41 -12.18
N ALA A 49 14.88 -17.45 -12.71
CA ALA A 49 14.70 -17.77 -14.12
C ALA A 49 13.62 -16.83 -14.69
N PRO A 50 13.96 -15.56 -14.80
CA PRO A 50 12.98 -14.59 -15.27
C PRO A 50 12.46 -14.87 -16.67
N ALA A 51 11.35 -14.25 -17.01
CA ALA A 51 10.87 -14.30 -18.35
C ALA A 51 11.95 -13.73 -19.28
N THR A 52 11.87 -14.15 -20.54
CA THR A 52 12.83 -13.72 -21.57
C THR A 52 12.17 -12.74 -22.58
N ASP A 53 11.08 -12.10 -22.18
CA ASP A 53 10.24 -11.20 -22.99
C ASP A 53 10.53 -9.73 -22.83
N GLY A 54 11.56 -9.37 -22.08
CA GLY A 54 11.80 -7.97 -21.75
C GLY A 54 11.27 -7.53 -20.38
N SER A 55 10.60 -8.42 -19.64
CA SER A 55 10.17 -8.11 -18.32
C SER A 55 11.29 -8.08 -17.32
N GLY A 56 11.12 -7.31 -16.26
CA GLY A 56 12.04 -7.34 -15.15
C GLY A 56 12.00 -8.64 -14.34
N THR A 57 12.88 -8.68 -13.36
CA THR A 57 13.06 -9.84 -12.48
C THR A 57 12.44 -9.55 -11.11
N ALA A 58 11.37 -10.28 -10.76
CA ALA A 58 10.67 -10.06 -9.50
C ALA A 58 11.57 -10.47 -8.32
N LEU A 59 11.45 -9.73 -7.23
CA LEU A 59 12.23 -9.97 -5.99
C LEU A 59 11.60 -9.30 -4.79
N GLY A 60 12.05 -9.71 -3.61
CA GLY A 60 11.68 -9.02 -2.40
C GLY A 60 12.67 -9.34 -1.31
N TRP A 61 12.70 -8.49 -0.29
CA TRP A 61 13.50 -8.77 0.89
C TRP A 61 12.98 -8.07 2.10
N THR A 62 13.46 -8.54 3.28
CA THR A 62 13.04 -8.02 4.57
C THR A 62 14.27 -7.56 5.34
N VAL A 63 14.09 -6.47 6.09
CA VAL A 63 15.02 -6.07 7.16
C VAL A 63 14.21 -5.88 8.41
N ALA A 64 14.53 -6.58 9.52
CA ALA A 64 14.02 -6.22 10.82
C ALA A 64 15.01 -5.25 11.46
N TRP A 65 14.53 -4.13 11.97
CA TRP A 65 15.35 -3.00 12.42
C TRP A 65 15.93 -3.20 13.79
N LYS A 66 16.50 -4.38 14.01
CA LYS A 66 17.24 -4.76 15.20
C LYS A 66 18.61 -5.18 14.79
N ASN A 67 19.62 -4.61 15.45
CA ASN A 67 20.98 -5.09 15.30
C ASN A 67 21.61 -5.13 16.67
N ASN A 68 22.93 -5.21 16.76
CA ASN A 68 23.58 -5.26 18.10
C ASN A 68 23.62 -3.92 18.78
N TYR A 69 23.25 -2.86 18.06
N TYR A 69 23.14 -2.84 18.14
CA TYR A 69 23.36 -1.49 18.53
CA TYR A 69 23.23 -1.43 18.64
C TYR A 69 21.97 -0.95 18.96
C TYR A 69 21.93 -0.79 18.93
N ARG A 70 20.93 -1.12 18.14
CA ARG A 70 19.67 -0.46 18.27
C ARG A 70 18.49 -1.44 17.89
N ASN A 71 17.32 -1.15 18.40
CA ASN A 71 16.12 -1.94 18.05
C ASN A 71 14.94 -1.01 17.93
N ALA A 72 14.45 -0.81 16.71
CA ALA A 72 13.28 0.05 16.46
C ALA A 72 11.95 -0.74 16.50
N HIS A 73 11.98 -2.04 16.82
CA HIS A 73 10.77 -2.85 16.91
C HIS A 73 9.92 -2.72 15.67
N SER A 74 10.50 -2.97 14.52
N SER A 74 10.56 -2.84 14.53
CA SER A 74 9.82 -2.73 13.26
CA SER A 74 9.95 -2.61 13.23
C SER A 74 10.57 -3.48 12.19
C SER A 74 10.57 -3.54 12.20
N ALA A 75 9.91 -3.68 11.04
CA ALA A 75 10.50 -4.42 9.93
C ALA A 75 9.99 -3.80 8.64
N THR A 76 10.86 -3.70 7.65
CA THR A 76 10.46 -3.28 6.31
C THR A 76 10.58 -4.43 5.35
N THR A 77 9.60 -4.58 4.46
CA THR A 77 9.74 -5.45 3.32
C THR A 77 9.69 -4.59 2.08
N TRP A 78 10.59 -4.90 1.13
CA TRP A 78 10.59 -4.32 -0.19
C TRP A 78 10.18 -5.36 -1.21
N SER A 79 9.21 -5.02 -2.06
CA SER A 79 8.76 -5.91 -3.11
C SER A 79 8.95 -5.13 -4.41
N GLY A 80 9.57 -5.79 -5.43
CA GLY A 80 9.86 -5.06 -6.64
C GLY A 80 10.39 -5.88 -7.75
N GLN A 81 11.11 -5.20 -8.64
CA GLN A 81 11.72 -5.88 -9.75
C GLN A 81 13.02 -5.19 -10.16
N TYR A 82 13.96 -6.04 -10.54
CA TYR A 82 15.23 -5.62 -11.15
C TYR A 82 14.99 -5.43 -12.65
N VAL A 83 15.50 -4.30 -13.13
CA VAL A 83 15.40 -3.87 -14.54
C VAL A 83 16.84 -3.64 -15.04
N GLY A 84 17.33 -4.57 -15.87
CA GLY A 84 18.72 -4.59 -16.38
C GLY A 84 18.98 -3.42 -17.30
N GLY A 85 20.20 -3.02 -17.52
CA GLY A 85 20.37 -1.96 -18.56
C GLY A 85 21.57 -1.17 -18.28
N ALA A 86 21.81 -0.17 -19.13
CA ALA A 86 22.93 0.73 -18.96
C ALA A 86 22.95 1.38 -17.64
N GLU A 87 21.74 1.65 -17.08
CA GLU A 87 21.70 1.98 -15.72
C GLU A 87 20.72 1.00 -15.13
N ALA A 88 21.25 -0.05 -14.62
CA ALA A 88 20.41 -1.05 -13.96
C ALA A 88 19.71 -0.45 -12.73
N ARG A 89 18.52 -0.93 -12.44
CA ARG A 89 17.77 -0.35 -11.34
C ARG A 89 16.96 -1.46 -10.71
N ILE A 90 16.66 -1.27 -9.43
CA ILE A 90 15.66 -2.09 -8.74
C ILE A 90 14.58 -1.15 -8.26
N ASN A 91 13.39 -1.33 -8.80
CA ASN A 91 12.25 -0.48 -8.45
C ASN A 91 11.37 -1.26 -7.44
N THR A 92 11.11 -0.61 -6.31
CA THR A 92 10.37 -1.27 -5.22
C THR A 92 9.27 -0.41 -4.66
N GLN A 93 8.33 -1.09 -4.03
N GLN A 93 8.32 -1.13 -4.07
CA GLN A 93 7.47 -0.48 -3.03
CA GLN A 93 7.32 -0.64 -3.09
C GLN A 93 7.72 -1.25 -1.75
C GLN A 93 7.71 -1.27 -1.76
N TRP A 94 7.47 -0.58 -0.64
CA TRP A 94 7.81 -1.16 0.64
C TRP A 94 6.72 -0.91 1.67
N LEU A 95 6.70 -1.80 2.68
CA LEU A 95 5.83 -1.74 3.83
C LEU A 95 6.69 -1.81 5.08
N LEU A 96 6.53 -0.85 5.98
N LEU A 96 6.57 -0.84 5.97
CA LEU A 96 7.28 -0.80 7.26
CA LEU A 96 7.24 -0.90 7.25
C LEU A 96 6.33 -0.95 8.42
C LEU A 96 6.19 -1.07 8.28
N THR A 97 6.28 -2.15 9.04
CA THR A 97 5.36 -2.39 10.14
C THR A 97 6.12 -2.29 11.45
N SER A 98 5.59 -1.52 12.36
CA SER A 98 6.10 -1.44 13.75
C SER A 98 5.26 -2.31 14.63
N GLY A 99 5.89 -2.93 15.65
CA GLY A 99 5.10 -3.54 16.70
C GLY A 99 4.28 -2.53 17.45
N THR A 100 2.99 -2.78 17.60
CA THR A 100 2.08 -1.81 18.26
C THR A 100 1.21 -2.55 19.23
N THR A 101 0.58 -1.79 20.10
CA THR A 101 -0.57 -2.31 20.80
C THR A 101 -1.71 -2.54 19.82
N GLU A 102 -2.72 -3.31 20.19
CA GLU A 102 -3.86 -3.50 19.33
C GLU A 102 -4.55 -2.13 19.06
N ALA A 103 -4.66 -1.26 20.06
CA ALA A 103 -5.32 0.03 19.85
C ALA A 103 -4.62 0.85 18.77
N ASN A 104 -3.30 0.71 18.69
CA ASN A 104 -2.50 1.46 17.73
C ASN A 104 -2.28 0.72 16.44
N ALA A 105 -2.83 -0.47 16.25
CA ALA A 105 -2.51 -1.28 15.04
C ALA A 105 -2.90 -0.57 13.77
N TRP A 106 -3.93 0.28 13.80
CA TRP A 106 -4.42 0.91 12.56
C TRP A 106 -3.32 1.78 12.02
N LYS A 107 -2.43 2.29 12.84
CA LYS A 107 -1.30 3.15 12.41
C LYS A 107 0.07 2.43 12.48
N SER A 108 0.07 1.11 12.36
CA SER A 108 1.28 0.35 12.44
C SER A 108 2.15 0.31 11.20
N THR A 109 1.59 0.66 10.02
CA THR A 109 2.28 0.35 8.79
C THR A 109 2.43 1.53 7.85
N LEU A 110 3.66 1.91 7.59
CA LEU A 110 3.99 2.89 6.56
C LEU A 110 4.19 2.20 5.20
N VAL A 111 3.90 2.97 4.12
CA VAL A 111 4.11 2.49 2.78
C VAL A 111 4.92 3.53 2.03
N GLY A 112 5.75 3.10 1.15
CA GLY A 112 6.52 4.00 0.24
C GLY A 112 7.09 3.27 -0.92
N HIS A 113 7.96 3.99 -1.64
CA HIS A 113 8.60 3.42 -2.84
C HIS A 113 10.03 3.86 -2.83
N ASP A 114 10.92 2.91 -3.10
CA ASP A 114 12.36 3.16 -3.20
C ASP A 114 12.85 2.67 -4.56
N THR A 115 13.76 3.48 -5.12
N THR A 115 13.65 3.47 -5.27
CA THR A 115 14.44 3.10 -6.34
CA THR A 115 14.31 2.95 -6.48
C THR A 115 15.94 2.97 -6.06
C THR A 115 15.84 2.96 -6.19
N PHE A 116 16.47 1.82 -6.47
CA PHE A 116 17.87 1.56 -6.23
C PHE A 116 18.66 1.57 -7.55
N THR A 117 19.86 2.17 -7.49
CA THR A 117 20.84 2.08 -8.56
C THR A 117 22.18 1.78 -7.91
N LYS A 118 23.14 1.52 -8.82
CA LYS A 118 24.52 1.19 -8.33
C LYS A 118 25.30 2.44 -8.09
N VAL A 119 24.69 3.63 -8.19
CA VAL A 119 25.33 4.88 -8.02
C VAL A 119 24.59 5.62 -6.86
N LYS A 120 25.29 6.30 -5.97
CA LYS A 120 24.70 6.93 -4.90
C LYS A 120 24.21 8.30 -5.39
N PRO A 121 23.00 8.71 -5.09
CA PRO A 121 22.61 10.05 -5.32
C PRO A 121 23.46 10.94 -4.38
N ALA B 1 9.48 -16.88 21.36
CA ALA B 1 8.94 -15.92 20.40
C ALA B 1 7.47 -16.18 19.97
N GLY B 2 7.02 -17.46 20.04
CA GLY B 2 5.65 -17.95 19.62
C GLY B 2 5.37 -18.12 18.12
N ILE B 3 6.39 -17.84 17.31
CA ILE B 3 6.24 -17.77 15.88
C ILE B 3 6.48 -19.12 15.20
N THR B 4 7.48 -19.89 15.65
CA THR B 4 7.76 -21.16 15.01
C THR B 4 6.51 -22.02 14.94
N GLY B 5 6.31 -22.67 13.80
CA GLY B 5 5.22 -23.56 13.61
C GLY B 5 4.45 -23.33 12.32
N THR B 6 3.28 -23.89 12.24
CA THR B 6 2.39 -23.83 11.07
C THR B 6 1.32 -22.79 11.30
N TRP B 7 1.07 -21.96 10.28
CA TRP B 7 0.07 -20.90 10.32
C TRP B 7 -0.79 -21.01 9.08
N TYR B 8 -2.05 -20.55 9.22
CA TYR B 8 -3.01 -20.65 8.13
C TYR B 8 -3.61 -19.31 7.88
N ASN B 9 -3.76 -18.89 6.63
CA ASN B 9 -4.45 -17.63 6.34
C ASN B 9 -5.86 -17.84 6.06
N GLN B 10 -6.60 -16.76 5.74
CA GLN B 10 -8.01 -16.74 5.63
C GLN B 10 -8.51 -17.49 4.49
N LEU B 11 -7.63 -17.71 3.50
CA LEU B 11 -7.96 -18.11 2.12
C LEU B 11 -7.40 -19.42 1.61
N GLY B 12 -6.88 -20.23 2.48
CA GLY B 12 -6.42 -21.50 2.06
C GLY B 12 -4.95 -21.73 1.99
N SER B 13 -4.10 -20.76 2.29
CA SER B 13 -2.66 -20.92 2.28
C SER B 13 -2.15 -21.37 3.68
N THR B 14 -1.00 -22.04 3.66
CA THR B 14 -0.34 -22.55 4.86
C THR B 14 1.08 -22.09 4.87
N PHE B 15 1.54 -21.51 6.00
N PHE B 15 1.59 -21.66 5.96
CA PHE B 15 2.88 -20.81 6.32
CA PHE B 15 3.00 -21.73 5.96
C PHE B 15 3.54 -21.95 7.28
C PHE B 15 3.59 -22.02 7.27
N ILE B 16 4.73 -22.56 7.00
CA ILE B 16 5.44 -23.32 8.03
C ILE B 16 6.74 -22.58 8.15
N VAL B 17 7.03 -22.19 9.37
CA VAL B 17 8.19 -21.30 9.62
C VAL B 17 8.93 -21.73 10.86
N THR B 18 10.22 -21.48 10.86
N THR B 18 10.21 -21.47 10.86
CA THR B 18 11.09 -21.54 12.05
CA THR B 18 11.04 -21.49 12.05
C THR B 18 11.66 -20.15 12.28
C THR B 18 11.60 -20.12 12.27
N ALA B 19 11.47 -19.67 13.51
CA ALA B 19 12.03 -18.41 13.96
C ALA B 19 13.34 -18.68 14.70
N GLY B 20 14.48 -18.45 14.08
CA GLY B 20 15.75 -18.78 14.64
C GLY B 20 16.25 -17.80 15.66
N ALA B 21 17.30 -18.19 16.38
CA ALA B 21 17.83 -17.35 17.43
C ALA B 21 18.55 -16.12 16.85
N ASP B 22 18.91 -16.21 15.58
CA ASP B 22 19.56 -15.14 14.84
C ASP B 22 18.55 -14.11 14.23
N GLY B 23 17.24 -14.16 14.58
CA GLY B 23 16.23 -13.24 13.98
C GLY B 23 15.75 -13.66 12.61
N ALA B 24 16.12 -14.84 12.14
CA ALA B 24 15.73 -15.30 10.81
C ALA B 24 14.41 -16.03 10.87
N LEU B 25 13.63 -15.88 9.81
CA LEU B 25 12.48 -16.70 9.50
C LEU B 25 12.88 -17.57 8.30
N THR B 26 12.59 -18.87 8.35
N THR B 26 12.59 -18.88 8.40
CA THR B 26 12.87 -19.78 7.26
CA THR B 26 12.88 -19.79 7.31
C THR B 26 11.76 -20.80 7.21
C THR B 26 11.74 -20.77 7.22
N GLY B 27 11.36 -21.19 6.02
CA GLY B 27 10.33 -22.20 5.87
C GLY B 27 9.81 -22.31 4.50
N THR B 28 8.54 -22.68 4.43
N THR B 28 8.52 -22.69 4.46
CA THR B 28 7.86 -22.81 3.17
CA THR B 28 7.81 -23.06 3.23
C THR B 28 6.50 -22.23 3.24
C THR B 28 6.44 -22.45 3.22
N TYR B 29 6.00 -21.93 2.09
CA TYR B 29 4.67 -21.39 1.95
C TYR B 29 3.94 -22.26 0.90
N GLU B 30 2.75 -22.72 1.24
CA GLU B 30 2.01 -23.53 0.31
C GLU B 30 0.66 -22.90 0.06
N SER B 31 0.40 -22.68 -1.22
CA SER B 31 -0.90 -22.04 -1.70
C SER B 31 -2.06 -23.07 -1.61
N ALA B 32 -1.80 -24.32 -1.27
CA ALA B 32 -2.19 -25.53 -2.00
C ALA B 32 -3.62 -26.05 -2.16
N VAL B 33 -3.72 -27.04 -3.05
CA VAL B 33 -4.40 -28.32 -2.69
C VAL B 33 -3.69 -29.05 -1.48
N GLY B 34 -2.36 -28.86 -1.35
CA GLY B 34 -1.48 -29.32 -0.23
C GLY B 34 -0.16 -29.90 -0.80
N ASN B 35 0.04 -29.81 -2.13
CA ASN B 35 0.90 -30.69 -2.90
C ASN B 35 2.21 -30.00 -3.11
N ALA B 36 3.20 -30.74 -3.53
CA ALA B 36 4.54 -30.22 -3.72
C ALA B 36 4.59 -29.13 -4.74
N GLU B 37 3.69 -29.19 -5.74
CA GLU B 37 3.71 -28.22 -6.72
C GLU B 37 3.30 -26.85 -6.23
N SER B 38 2.64 -26.81 -5.09
CA SER B 38 2.10 -25.59 -4.47
C SER B 38 3.00 -25.00 -3.40
N ARG B 39 4.18 -25.56 -3.23
CA ARG B 39 5.09 -25.21 -2.14
C ARG B 39 6.29 -24.41 -2.61
N TYR B 40 6.59 -23.34 -1.85
CA TYR B 40 7.63 -22.41 -2.28
C TYR B 40 8.47 -22.05 -1.03
N VAL B 41 9.74 -21.77 -1.24
CA VAL B 41 10.63 -21.35 -0.18
C VAL B 41 10.24 -19.98 0.36
N LEU B 42 10.32 -19.79 1.65
CA LEU B 42 10.25 -18.45 2.20
C LEU B 42 11.44 -18.14 3.11
N THR B 43 11.76 -16.87 3.20
CA THR B 43 12.78 -16.39 4.12
C THR B 43 12.37 -15.02 4.57
N GLY B 44 12.73 -14.67 5.81
CA GLY B 44 12.38 -13.35 6.36
C GLY B 44 13.10 -13.07 7.62
N ARG B 45 12.62 -12.08 8.35
CA ARG B 45 13.26 -11.61 9.59
C ARG B 45 12.21 -11.24 10.58
N TYR B 46 12.52 -11.34 11.88
CA TYR B 46 11.61 -10.89 12.89
C TYR B 46 12.41 -10.24 14.01
N ASP B 47 11.77 -9.38 14.79
CA ASP B 47 12.38 -8.75 15.98
C ASP B 47 12.50 -9.82 17.09
N SER B 48 13.72 -10.23 17.38
CA SER B 48 13.92 -11.26 18.42
C SER B 48 13.99 -10.71 19.80
N ALA B 49 13.85 -9.40 19.97
CA ALA B 49 13.77 -8.79 21.31
C ALA B 49 12.70 -7.73 21.32
N PRO B 50 11.42 -8.16 21.21
CA PRO B 50 10.36 -7.18 21.11
C PRO B 50 10.17 -6.36 22.37
N ALA B 51 9.37 -5.29 22.26
CA ALA B 51 9.09 -4.47 23.40
C ALA B 51 8.28 -5.29 24.41
N THR B 52 8.34 -4.85 25.66
CA THR B 52 7.67 -5.59 26.80
C THR B 52 6.48 -4.74 27.25
N ASP B 53 5.98 -3.81 26.42
CA ASP B 53 4.83 -2.94 26.80
C ASP B 53 3.49 -3.45 26.24
N GLY B 54 3.41 -4.66 25.77
CA GLY B 54 2.19 -5.18 25.21
C GLY B 54 2.10 -5.06 23.68
N SER B 55 3.10 -4.47 23.07
CA SER B 55 3.13 -4.37 21.60
C SER B 55 3.44 -5.69 20.93
N GLY B 56 3.01 -5.83 19.68
CA GLY B 56 3.33 -7.00 18.89
C GLY B 56 4.78 -7.05 18.50
N THR B 57 5.13 -8.17 17.80
CA THR B 57 6.46 -8.45 17.34
C THR B 57 6.52 -8.20 15.84
N ALA B 58 7.31 -7.23 15.41
CA ALA B 58 7.42 -6.93 14.00
C ALA B 58 8.14 -8.04 13.24
N LEU B 59 7.70 -8.31 12.02
N LEU B 59 7.71 -8.30 12.01
CA LEU B 59 8.33 -9.32 11.17
CA LEU B 59 8.29 -9.38 11.18
C LEU B 59 8.02 -9.04 9.72
C LEU B 59 7.92 -9.17 9.73
N GLY B 60 8.67 -9.80 8.85
CA GLY B 60 8.33 -9.82 7.43
C GLY B 60 8.94 -11.00 6.75
N TRP B 61 8.43 -11.40 5.60
CA TRP B 61 9.04 -12.45 4.83
C TRP B 61 8.67 -12.30 3.40
N THR B 62 9.44 -13.01 2.55
CA THR B 62 9.31 -13.03 1.08
C THR B 62 9.13 -14.45 0.58
N VAL B 63 8.24 -14.59 -0.41
CA VAL B 63 8.19 -15.80 -1.24
C VAL B 63 8.31 -15.33 -2.70
N ALA B 64 9.28 -15.85 -3.44
CA ALA B 64 9.28 -15.77 -4.90
C ALA B 64 8.53 -16.96 -5.44
N TRP B 65 7.59 -16.71 -6.36
CA TRP B 65 6.66 -17.74 -6.83
C TRP B 65 7.25 -18.61 -7.94
N LYS B 66 8.45 -19.10 -7.66
CA LYS B 66 9.14 -20.07 -8.49
C LYS B 66 9.47 -21.23 -7.60
N ASN B 67 9.19 -22.44 -8.09
CA ASN B 67 9.68 -23.67 -7.45
C ASN B 67 10.20 -24.57 -8.56
N ASN B 68 10.43 -25.85 -8.27
CA ASN B 68 10.94 -26.72 -9.29
C ASN B 68 9.98 -27.00 -10.38
N TYR B 69 8.73 -26.64 -10.23
CA TYR B 69 7.62 -27.04 -11.09
C TYR B 69 7.02 -25.96 -11.88
N ARG B 70 7.10 -24.74 -11.38
CA ARG B 70 6.42 -23.62 -12.03
C ARG B 70 7.06 -22.30 -11.68
N ASN B 71 6.72 -21.29 -12.44
CA ASN B 71 7.33 -19.96 -12.20
C ASN B 71 6.36 -18.90 -12.64
N ALA B 72 5.78 -18.15 -11.69
CA ALA B 72 4.84 -17.06 -11.97
C ALA B 72 5.59 -15.72 -12.21
N HIS B 73 6.93 -15.68 -12.16
CA HIS B 73 7.68 -14.45 -12.35
C HIS B 73 7.16 -13.32 -11.47
N SER B 74 7.10 -13.63 -10.19
N SER B 74 7.02 -13.67 -10.20
CA SER B 74 6.52 -12.67 -9.24
CA SER B 74 6.34 -12.78 -9.22
C SER B 74 6.96 -13.05 -7.84
C SER B 74 6.97 -13.05 -7.85
N ALA B 75 6.83 -12.11 -6.95
CA ALA B 75 7.23 -12.33 -5.55
C ALA B 75 6.29 -11.57 -4.65
N THR B 76 5.94 -12.15 -3.50
CA THR B 76 5.18 -11.48 -2.47
C THR B 76 6.02 -11.23 -1.26
N THR B 77 5.87 -10.04 -0.67
CA THR B 77 6.38 -9.79 0.66
C THR B 77 5.24 -9.51 1.61
N TRP B 78 5.30 -10.10 2.80
CA TRP B 78 4.38 -9.85 3.90
C TRP B 78 5.09 -9.07 4.97
N SER B 79 4.50 -7.95 5.41
CA SER B 79 5.01 -7.12 6.50
C SER B 79 3.99 -7.07 7.55
N GLY B 80 4.33 -7.35 8.82
CA GLY B 80 3.29 -7.36 9.83
C GLY B 80 3.82 -7.50 11.23
N GLN B 81 2.93 -7.99 12.07
CA GLN B 81 3.33 -8.23 13.47
C GLN B 81 2.61 -9.46 13.96
N TYR B 82 3.34 -10.19 14.82
CA TYR B 82 2.78 -11.31 15.63
C TYR B 82 2.26 -10.75 16.91
N VAL B 83 1.05 -11.19 17.24
CA VAL B 83 0.31 -10.75 18.42
C VAL B 83 0.09 -12.06 19.16
N GLY B 84 0.70 -12.13 20.35
CA GLY B 84 0.59 -13.31 21.16
C GLY B 84 -0.68 -13.33 22.06
N GLY B 85 -0.67 -14.18 23.04
CA GLY B 85 -1.76 -14.26 23.94
C GLY B 85 -2.71 -15.39 23.57
N ALA B 86 -3.91 -15.30 24.10
CA ALA B 86 -4.79 -16.41 24.15
C ALA B 86 -5.15 -16.89 22.77
N GLU B 87 -5.33 -15.93 21.82
CA GLU B 87 -5.66 -16.23 20.44
C GLU B 87 -4.59 -15.56 19.51
N ALA B 88 -3.45 -16.22 19.42
CA ALA B 88 -2.32 -15.64 18.67
C ALA B 88 -2.61 -15.51 17.18
N ARG B 89 -2.00 -14.50 16.59
N ARG B 89 -2.05 -14.48 16.59
CA ARG B 89 -2.30 -14.06 15.23
CA ARG B 89 -2.25 -14.20 15.17
C ARG B 89 -1.02 -13.51 14.64
C ARG B 89 -1.01 -13.53 14.63
N ILE B 90 -0.88 -13.64 13.33
CA ILE B 90 0.10 -12.81 12.61
C ILE B 90 -0.72 -11.94 11.62
N ASN B 91 -0.72 -10.62 11.86
CA ASN B 91 -1.47 -9.67 11.05
C ASN B 91 -0.51 -9.04 10.05
N THR B 92 -0.87 -9.15 8.76
CA THR B 92 0.03 -8.69 7.69
C THR B 92 -0.63 -7.84 6.68
N GLN B 93 0.18 -7.06 6.01
CA GLN B 93 -0.15 -6.47 4.73
C GLN B 93 0.90 -7.00 3.74
N TRP B 94 0.53 -7.13 2.48
CA TRP B 94 1.45 -7.73 1.53
C TRP B 94 1.49 -6.95 0.21
N LEU B 95 2.60 -7.12 -0.50
CA LEU B 95 2.85 -6.57 -1.81
C LEU B 95 3.29 -7.68 -2.74
N LEU B 96 2.60 -7.86 -3.86
N LEU B 96 2.59 -7.87 -3.86
CA LEU B 96 2.95 -8.87 -4.82
CA LEU B 96 2.92 -8.85 -4.86
C LEU B 96 3.41 -8.10 -6.08
C LEU B 96 3.37 -8.17 -6.14
N THR B 97 4.69 -8.25 -6.43
CA THR B 97 5.21 -7.64 -7.65
C THR B 97 5.46 -8.69 -8.68
N SER B 98 4.96 -8.49 -9.89
CA SER B 98 5.31 -9.31 -11.05
C SER B 98 6.34 -8.62 -11.89
N GLY B 99 7.25 -9.40 -12.48
CA GLY B 99 8.13 -8.85 -13.50
C GLY B 99 7.33 -8.33 -14.70
N THR B 100 7.58 -7.14 -15.12
CA THR B 100 6.85 -6.52 -16.24
C THR B 100 7.82 -5.82 -17.11
N THR B 101 7.38 -5.45 -18.32
CA THR B 101 8.13 -4.44 -19.09
C THR B 101 7.90 -3.08 -18.44
N GLU B 102 8.72 -2.11 -18.82
CA GLU B 102 8.56 -0.76 -18.26
C GLU B 102 7.20 -0.20 -18.63
N ALA B 103 6.70 -0.46 -19.85
CA ALA B 103 5.38 0.06 -20.21
C ALA B 103 4.32 -0.45 -19.27
N ASN B 104 4.47 -1.65 -18.74
CA ASN B 104 3.49 -2.29 -17.89
C ASN B 104 3.77 -2.12 -16.39
N ALA B 105 4.79 -1.38 -16.02
CA ALA B 105 5.21 -1.32 -14.63
C ALA B 105 4.15 -0.71 -13.73
N TRP B 106 3.30 0.17 -14.26
CA TRP B 106 2.29 0.77 -13.45
C TRP B 106 1.37 -0.29 -12.92
N LYS B 107 1.19 -1.46 -13.58
CA LYS B 107 0.32 -2.50 -13.10
C LYS B 107 1.12 -3.70 -12.58
N SER B 108 2.36 -3.48 -12.09
CA SER B 108 3.19 -4.57 -11.58
C SER B 108 2.86 -5.05 -10.21
N THR B 109 2.21 -4.25 -9.36
CA THR B 109 2.17 -4.55 -7.94
C THR B 109 0.78 -4.57 -7.35
N LEU B 110 0.37 -5.69 -6.82
CA LEU B 110 -0.84 -5.82 -6.06
C LEU B 110 -0.57 -5.63 -4.59
N VAL B 111 -1.56 -5.13 -3.87
CA VAL B 111 -1.51 -4.99 -2.41
C VAL B 111 -2.68 -5.67 -1.79
N GLY B 112 -2.51 -6.19 -0.59
CA GLY B 112 -3.59 -6.80 0.15
C GLY B 112 -3.19 -7.03 1.59
N HIS B 113 -4.01 -7.82 2.26
CA HIS B 113 -3.79 -8.13 3.66
C HIS B 113 -4.12 -9.59 3.93
N ASP B 114 -3.36 -10.21 4.83
N ASP B 114 -3.36 -10.21 4.85
CA ASP B 114 -3.63 -11.61 5.25
CA ASP B 114 -3.56 -11.64 5.25
C ASP B 114 -3.53 -11.64 6.78
C ASP B 114 -3.49 -11.63 6.79
N THR B 115 -4.38 -12.47 7.36
N THR B 115 -4.37 -12.38 7.42
CA THR B 115 -4.39 -12.76 8.78
CA THR B 115 -4.25 -12.68 8.85
C THR B 115 -4.11 -14.23 9.01
C THR B 115 -4.09 -14.19 9.02
N PHE B 116 -3.07 -14.54 9.78
CA PHE B 116 -2.70 -15.96 9.97
C PHE B 116 -3.05 -16.34 11.39
N THR B 117 -3.55 -17.57 11.51
CA THR B 117 -3.96 -18.19 12.78
C THR B 117 -3.31 -19.58 12.89
N LYS B 118 -3.48 -20.10 14.11
N LYS B 118 -3.13 -20.11 14.09
CA LYS B 118 -2.90 -21.40 14.47
CA LYS B 118 -2.59 -21.47 14.22
C LYS B 118 -3.71 -22.58 14.06
C LYS B 118 -3.66 -22.59 13.93
N VAL B 119 -4.96 -22.27 13.85
CA VAL B 119 -5.95 -23.26 13.49
C VAL B 119 -6.58 -22.90 12.11
N LYS B 120 -7.03 -23.89 11.32
CA LYS B 120 -7.57 -23.64 9.94
C LYS B 120 -8.82 -22.83 9.98
N PRO B 121 -9.03 -21.97 8.98
CA PRO B 121 -10.27 -21.26 8.87
C PRO B 121 -11.40 -22.27 8.74
N ALA C 1 -4.88 26.73 -5.21
CA ALA C 1 -4.18 28.03 -5.50
C ALA C 1 -2.67 28.14 -5.08
N GLY C 2 -1.90 27.54 -5.95
CA GLY C 2 -0.78 26.73 -5.70
C GLY C 2 -1.25 25.40 -6.26
N ILE C 3 -2.35 24.84 -5.74
CA ILE C 3 -2.85 23.56 -6.24
C ILE C 3 -3.69 23.73 -7.50
N THR C 4 -4.53 24.75 -7.54
CA THR C 4 -5.39 24.94 -8.68
C THR C 4 -4.59 25.04 -9.95
N GLY C 5 -5.04 24.33 -10.99
CA GLY C 5 -4.43 24.38 -12.27
C GLY C 5 -4.17 23.00 -12.85
N THR C 6 -3.26 22.94 -13.78
CA THR C 6 -2.99 21.76 -14.60
C THR C 6 -1.75 21.07 -14.16
N TRP C 7 -1.81 19.77 -14.00
CA TRP C 7 -0.69 18.94 -13.51
C TRP C 7 -0.44 17.82 -14.49
N TYR C 8 0.80 17.37 -14.53
CA TYR C 8 1.24 16.39 -15.49
C TYR C 8 2.02 15.31 -14.73
N ASN C 9 1.71 14.04 -14.96
CA ASN C 9 2.45 12.94 -14.30
C ASN C 9 3.57 12.46 -15.14
N GLN C 10 4.27 11.43 -14.69
CA GLN C 10 5.46 11.13 -15.45
C GLN C 10 5.13 10.10 -16.56
N LEU C 11 3.87 9.94 -16.98
CA LEU C 11 3.49 8.85 -17.92
C LEU C 11 2.44 9.25 -18.87
N GLY C 12 2.27 10.54 -19.01
CA GLY C 12 1.44 10.92 -20.05
C GLY C 12 0.04 11.37 -19.60
N SER C 13 -0.31 11.33 -18.35
CA SER C 13 -1.63 11.78 -17.88
C SER C 13 -1.59 13.29 -17.50
N THR C 14 -2.72 13.93 -17.62
CA THR C 14 -2.88 15.35 -17.27
C THR C 14 -4.08 15.44 -16.39
N PHE C 15 -4.05 16.29 -15.38
CA PHE C 15 -5.33 16.70 -14.87
C PHE C 15 -5.43 18.18 -14.61
N ILE C 16 -6.66 18.65 -14.52
CA ILE C 16 -6.94 20.01 -14.21
C ILE C 16 -7.76 19.94 -12.98
N VAL C 17 -7.40 20.72 -11.99
CA VAL C 17 -8.10 20.77 -10.72
C VAL C 17 -8.38 22.17 -10.26
N THR C 18 -9.47 22.35 -9.57
CA THR C 18 -9.79 23.52 -8.78
C THR C 18 -9.76 23.14 -7.34
N ALA C 19 -8.94 23.84 -6.56
CA ALA C 19 -8.87 23.68 -5.11
C ALA C 19 -9.72 24.76 -4.47
N GLY C 20 -10.86 24.41 -3.97
CA GLY C 20 -11.81 25.35 -3.37
C GLY C 20 -11.41 25.77 -2.01
N ALA C 21 -11.94 26.91 -1.56
CA ALA C 21 -11.59 27.47 -0.29
C ALA C 21 -12.15 26.61 0.85
N ASP C 22 -13.15 25.76 0.51
CA ASP C 22 -13.70 24.83 1.50
C ASP C 22 -13.01 23.48 1.55
N GLY C 23 -11.88 23.30 0.92
CA GLY C 23 -11.23 22.02 0.94
C GLY C 23 -11.57 21.09 -0.18
N ALA C 24 -12.42 21.51 -1.09
CA ALA C 24 -12.77 20.67 -2.22
C ALA C 24 -11.74 20.62 -3.27
N LEU C 25 -11.53 19.44 -3.88
CA LEU C 25 -10.86 19.29 -5.16
C LEU C 25 -11.86 18.80 -6.17
N THR C 26 -11.92 19.49 -7.31
CA THR C 26 -12.79 19.08 -8.40
C THR C 26 -12.08 19.25 -9.69
N GLY C 27 -12.33 18.43 -10.68
CA GLY C 27 -11.70 18.60 -11.95
C GLY C 27 -11.83 17.42 -12.87
N THR C 28 -10.90 17.30 -13.76
CA THR C 28 -10.91 16.30 -14.86
C THR C 28 -9.57 15.67 -14.94
N TYR C 29 -9.50 14.34 -15.12
CA TYR C 29 -8.29 13.61 -15.28
C TYR C 29 -8.26 13.00 -16.65
N GLU C 30 -7.18 13.20 -17.40
CA GLU C 30 -7.10 12.72 -18.78
C GLU C 30 -5.95 11.75 -18.83
N SER C 31 -6.31 10.50 -19.17
CA SER C 31 -5.36 9.44 -19.17
C SER C 31 -4.42 9.46 -20.31
N ALA C 32 -4.76 10.14 -21.40
CA ALA C 32 -3.85 10.15 -22.54
C ALA C 32 -4.02 11.27 -23.56
N VAL C 33 -2.87 11.80 -23.96
CA VAL C 33 -2.68 12.60 -25.17
C VAL C 33 -3.63 13.76 -25.20
N GLY C 34 -4.68 13.65 -25.99
CA GLY C 34 -5.79 14.53 -25.92
C GLY C 34 -6.91 13.80 -26.62
N ASN C 35 -7.88 13.33 -25.85
CA ASN C 35 -9.14 12.91 -26.41
C ASN C 35 -10.16 12.74 -25.34
N ALA C 36 -11.36 13.10 -25.71
CA ALA C 36 -12.50 13.18 -24.78
C ALA C 36 -12.87 11.84 -24.19
N GLU C 37 -12.56 10.79 -24.98
CA GLU C 37 -12.84 9.51 -24.54
C GLU C 37 -11.93 9.08 -23.40
N SER C 38 -10.86 9.85 -23.16
N SER C 38 -10.80 9.77 -23.17
CA SER C 38 -9.92 9.52 -22.10
CA SER C 38 -9.94 9.42 -22.02
C SER C 38 -10.02 10.44 -20.89
C SER C 38 -10.02 10.41 -20.87
N ARG C 39 -11.07 11.23 -20.83
CA ARG C 39 -11.27 12.20 -19.72
C ARG C 39 -12.31 11.73 -18.74
N TYR C 40 -12.02 11.90 -17.43
CA TYR C 40 -12.87 11.35 -16.38
C TYR C 40 -13.00 12.41 -15.29
N VAL C 41 -14.06 12.40 -14.58
CA VAL C 41 -14.28 13.26 -13.42
C VAL C 41 -13.32 12.89 -12.29
N LEU C 42 -12.85 13.86 -11.56
N LEU C 42 -12.72 13.92 -11.70
CA LEU C 42 -12.21 13.60 -10.30
CA LEU C 42 -11.88 13.88 -10.52
C LEU C 42 -12.71 14.51 -9.22
C LEU C 42 -12.64 14.53 -9.32
N THR C 43 -12.89 13.95 -8.00
N THR C 43 -12.45 13.99 -8.14
CA THR C 43 -13.21 14.77 -6.86
CA THR C 43 -13.14 14.59 -6.97
C THR C 43 -12.32 14.32 -5.74
C THR C 43 -12.34 14.24 -5.72
N GLY C 44 -12.06 15.20 -4.83
CA GLY C 44 -11.31 14.88 -3.62
C GLY C 44 -11.34 16.02 -2.62
N ARG C 45 -10.38 15.99 -1.71
CA ARG C 45 -10.31 16.91 -0.59
C ARG C 45 -8.85 17.24 -0.33
N TYR C 46 -8.61 18.42 0.23
CA TYR C 46 -7.26 18.80 0.62
C TYR C 46 -7.32 19.62 1.90
N ASP C 47 -6.20 19.73 2.59
CA ASP C 47 -6.11 20.61 3.80
C ASP C 47 -6.06 22.04 3.32
N SER C 48 -7.16 22.80 3.54
CA SER C 48 -7.27 24.18 3.10
C SER C 48 -6.59 25.15 4.03
N ALA C 49 -6.03 24.72 5.17
CA ALA C 49 -5.28 25.57 6.06
C ALA C 49 -3.98 24.84 6.42
N PRO C 50 -3.13 24.59 5.45
CA PRO C 50 -1.89 23.85 5.73
C PRO C 50 -0.92 24.68 6.58
N ALA C 51 0.06 24.01 7.13
CA ALA C 51 1.16 24.69 7.82
C ALA C 51 2.01 25.46 6.87
N THR C 52 2.70 26.48 7.33
N THR C 52 2.56 26.55 7.35
CA THR C 52 3.73 27.22 6.54
CA THR C 52 3.59 27.30 6.68
C THR C 52 5.04 27.08 7.23
C THR C 52 4.88 27.04 7.49
N ASP C 53 5.40 25.82 7.38
CA ASP C 53 6.60 25.41 8.09
C ASP C 53 7.51 24.56 7.21
N GLY C 54 7.30 24.54 5.90
CA GLY C 54 8.09 23.72 4.99
C GLY C 54 7.47 22.34 4.72
N SER C 55 6.39 22.02 5.43
N SER C 55 6.40 22.01 5.36
CA SER C 55 5.60 20.77 5.22
CA SER C 55 5.83 20.74 5.06
C SER C 55 4.73 20.88 3.97
C SER C 55 4.77 20.87 3.96
N GLY C 56 4.48 19.74 3.33
CA GLY C 56 3.52 19.74 2.24
C GLY C 56 2.10 19.90 2.71
N THR C 57 1.19 20.06 1.74
CA THR C 57 -0.22 20.19 1.95
C THR C 57 -0.91 18.83 1.65
N ALA C 58 -1.47 18.20 2.63
CA ALA C 58 -2.05 16.89 2.43
C ALA C 58 -3.30 16.97 1.56
N LEU C 59 -3.53 15.88 0.83
N LEU C 59 -3.45 16.02 0.61
CA LEU C 59 -4.59 15.80 -0.10
CA LEU C 59 -4.56 15.96 -0.31
C LEU C 59 -4.88 14.42 -0.56
C LEU C 59 -4.82 14.54 -0.78
N GLY C 60 -6.05 14.30 -1.27
CA GLY C 60 -6.34 13.04 -1.95
C GLY C 60 -7.45 13.25 -2.93
N TRP C 61 -7.52 12.40 -3.94
CA TRP C 61 -8.68 12.42 -4.80
C TRP C 61 -8.92 11.06 -5.39
N THR C 62 -10.12 10.92 -6.01
CA THR C 62 -10.57 9.69 -6.66
C THR C 62 -10.94 9.98 -8.10
N VAL C 63 -10.64 9.01 -8.97
CA VAL C 63 -11.24 8.90 -10.31
C VAL C 63 -11.84 7.52 -10.41
N ALA C 64 -13.17 7.45 -10.66
CA ALA C 64 -13.76 6.20 -11.13
C ALA C 64 -13.67 6.18 -12.63
N TRP C 65 -13.14 5.06 -13.19
CA TRP C 65 -12.77 4.99 -14.60
C TRP C 65 -13.94 4.68 -15.52
N LYS C 66 -15.02 5.43 -15.30
CA LYS C 66 -16.23 5.44 -16.13
C LYS C 66 -16.40 6.82 -16.67
N ASN C 67 -16.64 6.92 -17.99
CA ASN C 67 -17.12 8.16 -18.55
C ASN C 67 -18.23 7.83 -19.53
N ASN C 68 -18.60 8.71 -20.42
CA ASN C 68 -19.71 8.41 -21.35
C ASN C 68 -19.35 7.44 -22.43
N TYR C 69 -18.06 7.14 -22.58
CA TYR C 69 -17.44 6.34 -23.64
C TYR C 69 -17.00 4.95 -23.25
N ARG C 70 -16.51 4.81 -22.01
CA ARG C 70 -15.69 3.70 -21.60
C ARG C 70 -16.01 3.45 -20.12
N ASN C 71 -15.74 2.23 -19.64
CA ASN C 71 -15.86 1.92 -18.23
C ASN C 71 -15.00 0.73 -17.92
N ALA C 72 -13.95 0.93 -17.12
CA ALA C 72 -13.01 -0.11 -16.71
C ALA C 72 -13.46 -0.78 -15.41
N HIS C 73 -14.60 -0.42 -14.86
CA HIS C 73 -15.08 -1.02 -13.64
C HIS C 73 -13.99 -1.00 -12.56
N SER C 74 -13.45 0.19 -12.29
N SER C 74 -13.45 0.22 -12.40
CA SER C 74 -12.35 0.32 -11.34
CA SER C 74 -12.28 0.43 -11.55
C SER C 74 -12.26 1.78 -11.00
C SER C 74 -12.30 1.83 -10.97
N ALA C 75 -11.54 2.04 -9.90
CA ALA C 75 -11.36 3.41 -9.40
C ALA C 75 -9.97 3.53 -8.80
N THR C 76 -9.34 4.66 -9.02
CA THR C 76 -8.06 4.97 -8.40
C THR C 76 -8.24 6.05 -7.36
N THR C 77 -7.57 5.91 -6.24
CA THR C 77 -7.38 7.02 -5.31
C THR C 77 -5.94 7.37 -5.18
N TRP C 78 -5.65 8.65 -5.21
CA TRP C 78 -4.29 9.18 -4.98
C TRP C 78 -4.28 9.85 -3.63
N SER C 79 -3.30 9.52 -2.80
CA SER C 79 -3.10 10.14 -1.49
C SER C 79 -1.73 10.74 -1.45
N GLY C 80 -1.57 11.99 -1.08
CA GLY C 80 -0.23 12.56 -1.10
C GLY C 80 -0.21 13.96 -0.56
N GLN C 81 0.83 14.69 -1.06
CA GLN C 81 0.98 16.07 -0.57
C GLN C 81 1.51 16.94 -1.72
N TYR C 82 0.98 18.17 -1.73
CA TYR C 82 1.48 19.24 -2.58
C TYR C 82 2.64 19.93 -1.92
N VAL C 83 3.70 20.14 -2.71
CA VAL C 83 4.92 20.81 -2.29
C VAL C 83 5.04 22.03 -3.21
N GLY C 84 4.96 23.22 -2.66
CA GLY C 84 4.93 24.43 -3.46
C GLY C 84 6.28 24.97 -3.77
N GLY C 85 6.33 26.21 -4.24
CA GLY C 85 7.58 26.84 -4.61
C GLY C 85 7.76 26.79 -6.07
N ALA C 86 8.94 27.26 -6.47
CA ALA C 86 9.28 27.41 -7.88
C ALA C 86 9.18 26.13 -8.66
N GLU C 87 9.43 25.00 -7.99
CA GLU C 87 9.38 23.66 -8.60
C GLU C 87 8.34 22.77 -7.92
N ALA C 88 7.18 23.21 -7.98
CA ALA C 88 6.12 22.57 -7.27
C ALA C 88 5.85 21.17 -7.75
N ARG C 89 5.35 20.34 -6.84
CA ARG C 89 5.06 18.96 -7.14
C ARG C 89 3.85 18.54 -6.37
N ILE C 90 3.15 17.53 -6.88
CA ILE C 90 2.23 16.74 -6.05
C ILE C 90 2.78 15.32 -6.03
N ASN C 91 3.23 14.87 -4.83
CA ASN C 91 3.79 13.56 -4.65
C ASN C 91 2.74 12.65 -4.10
N THR C 92 2.46 11.53 -4.79
CA THR C 92 1.35 10.66 -4.40
C THR C 92 1.73 9.21 -4.37
N GLN C 93 0.95 8.46 -3.63
CA GLN C 93 0.84 7.02 -3.75
C GLN C 93 -0.62 6.75 -4.13
N TRP C 94 -0.88 5.68 -4.89
CA TRP C 94 -2.25 5.44 -5.32
C TRP C 94 -2.63 3.97 -5.13
N LEU C 95 -3.94 3.75 -5.09
CA LEU C 95 -4.55 2.45 -5.02
C LEU C 95 -5.60 2.37 -6.13
N LEU C 96 -5.57 1.32 -6.93
N LEU C 96 -5.52 1.39 -6.98
CA LEU C 96 -6.48 1.14 -8.07
CA LEU C 96 -6.55 1.12 -7.97
C LEU C 96 -7.24 -0.14 -7.80
C LEU C 96 -7.24 -0.16 -7.56
N THR C 97 -8.54 -0.04 -7.38
CA THR C 97 -9.36 -1.21 -7.08
C THR C 97 -10.29 -1.45 -8.25
N SER C 98 -10.30 -2.67 -8.75
CA SER C 98 -11.29 -3.14 -9.72
C SER C 98 -12.37 -3.91 -9.07
N GLY C 99 -13.59 -3.78 -9.60
CA GLY C 99 -14.64 -4.63 -9.14
C GLY C 99 -14.34 -6.09 -9.54
N THR C 100 -14.47 -6.98 -8.57
CA THR C 100 -14.13 -8.42 -8.79
C THR C 100 -15.23 -9.23 -8.13
N THR C 101 -15.25 -10.51 -8.49
CA THR C 101 -15.94 -11.50 -7.65
C THR C 101 -15.19 -11.70 -6.33
N GLU C 102 -15.87 -12.39 -5.43
N GLU C 102 -15.84 -12.34 -5.36
CA GLU C 102 -15.33 -12.59 -4.11
CA GLU C 102 -15.16 -12.56 -4.07
C GLU C 102 -14.09 -13.51 -4.25
C GLU C 102 -13.97 -13.48 -4.32
N ALA C 103 -14.10 -14.48 -5.19
CA ALA C 103 -12.96 -15.35 -5.43
C ALA C 103 -11.73 -14.65 -5.90
N ASN C 104 -11.93 -13.55 -6.61
CA ASN C 104 -10.81 -12.81 -7.18
C ASN C 104 -10.46 -11.53 -6.33
N ALA C 105 -11.05 -11.39 -5.21
CA ALA C 105 -10.83 -10.13 -4.44
C ALA C 105 -9.41 -9.94 -3.99
N TRP C 106 -8.69 -11.05 -3.81
CA TRP C 106 -7.32 -10.99 -3.37
C TRP C 106 -6.49 -10.24 -4.37
N LYS C 107 -6.89 -10.24 -5.63
CA LYS C 107 -6.15 -9.59 -6.70
C LYS C 107 -6.94 -8.29 -7.23
N SER C 108 -7.70 -7.70 -6.40
CA SER C 108 -8.50 -6.56 -6.82
C SER C 108 -7.77 -5.22 -6.82
N THR C 109 -6.63 -5.10 -6.13
CA THR C 109 -6.06 -3.77 -5.87
C THR C 109 -4.62 -3.65 -6.25
N LEU C 110 -4.31 -2.78 -7.20
CA LEU C 110 -2.96 -2.41 -7.51
C LEU C 110 -2.53 -1.24 -6.67
N VAL C 111 -1.22 -1.11 -6.42
CA VAL C 111 -0.64 0.01 -5.72
C VAL C 111 0.49 0.59 -6.55
N GLY C 112 0.68 1.89 -6.49
CA GLY C 112 1.78 2.51 -7.16
C GLY C 112 1.96 3.91 -6.68
N HIS C 113 2.74 4.69 -7.45
CA HIS C 113 3.06 6.06 -7.08
C HIS C 113 3.07 6.93 -8.30
N ASP C 114 2.74 8.19 -8.13
N ASP C 114 2.70 8.18 -8.15
CA ASP C 114 2.77 9.17 -9.24
CA ASP C 114 2.81 9.14 -9.27
C ASP C 114 3.34 10.45 -8.70
C ASP C 114 3.33 10.45 -8.71
N THR C 115 4.15 11.14 -9.51
CA THR C 115 4.59 12.49 -9.19
C THR C 115 4.11 13.41 -10.27
N PHE C 116 3.44 14.47 -9.87
CA PHE C 116 2.89 15.46 -10.80
C PHE C 116 3.69 16.75 -10.69
N THR C 117 3.88 17.39 -11.84
N THR C 117 3.88 17.37 -11.85
CA THR C 117 4.53 18.69 -11.97
CA THR C 117 4.56 18.68 -12.02
C THR C 117 3.64 19.64 -12.72
C THR C 117 3.65 19.64 -12.73
N LYS C 118 3.91 20.94 -12.58
CA LYS C 118 3.17 21.97 -13.30
C LYS C 118 3.66 22.21 -14.69
N VAL C 119 4.82 21.69 -15.00
CA VAL C 119 5.47 21.98 -16.21
C VAL C 119 5.27 20.88 -17.14
N LYS C 120 4.55 21.16 -18.24
CA LYS C 120 4.24 20.14 -19.22
C LYS C 120 5.50 19.49 -19.79
N PRO C 121 5.60 18.18 -19.69
CA PRO C 121 6.84 17.54 -20.09
C PRO C 121 7.09 17.67 -21.61
N ALA D 1 -27.07 3.79 -3.52
CA ALA D 1 -28.45 3.30 -3.13
C ALA D 1 -28.37 2.09 -2.18
N GLY D 2 -27.92 0.97 -2.82
CA GLY D 2 -26.94 -0.03 -2.30
C GLY D 2 -25.86 0.67 -1.53
N ILE D 3 -25.11 1.53 -2.21
CA ILE D 3 -24.07 2.35 -1.51
C ILE D 3 -24.60 3.40 -0.59
N THR D 4 -25.65 4.13 -0.96
CA THR D 4 -26.14 5.13 -0.09
C THR D 4 -26.58 4.60 1.24
N GLY D 5 -26.14 5.22 2.33
CA GLY D 5 -26.52 4.82 3.64
C GLY D 5 -25.48 5.16 4.66
N THR D 6 -25.67 4.55 5.83
CA THR D 6 -24.77 4.71 6.95
C THR D 6 -24.03 3.43 7.14
N TRP D 7 -22.70 3.53 7.13
CA TRP D 7 -21.77 2.37 7.21
C TRP D 7 -20.88 2.57 8.42
N TYR D 8 -20.34 1.44 8.92
CA TYR D 8 -19.44 1.44 10.05
C TYR D 8 -18.29 0.54 9.76
N ASN D 9 -17.10 0.99 10.15
CA ASN D 9 -15.93 0.14 10.03
C ASN D 9 -15.68 -0.61 11.33
N GLN D 10 -14.63 -1.40 11.33
CA GLN D 10 -14.30 -2.29 12.42
C GLN D 10 -13.82 -1.57 13.61
N LEU D 11 -13.46 -0.28 13.47
CA LEU D 11 -13.11 0.49 14.62
C LEU D 11 -14.20 1.49 15.00
N GLY D 12 -15.40 1.31 14.46
CA GLY D 12 -16.55 2.12 14.86
C GLY D 12 -16.73 3.45 14.13
N SER D 13 -15.77 3.84 13.30
CA SER D 13 -15.90 5.03 12.51
C SER D 13 -17.24 4.92 11.74
N THR D 14 -17.95 6.03 11.53
CA THR D 14 -19.27 6.08 10.90
C THR D 14 -19.16 6.87 9.63
N PHE D 15 -19.51 6.24 8.52
CA PHE D 15 -19.35 6.74 7.16
C PHE D 15 -20.77 6.92 6.55
N ILE D 16 -21.19 8.18 6.43
CA ILE D 16 -22.57 8.50 6.02
C ILE D 16 -22.44 8.99 4.60
N VAL D 17 -22.93 8.23 3.62
CA VAL D 17 -22.60 8.51 2.23
C VAL D 17 -23.85 8.48 1.37
N THR D 18 -23.80 9.31 0.35
CA THR D 18 -24.86 9.34 -0.65
C THR D 18 -24.19 9.12 -2.01
N ALA D 19 -24.70 8.17 -2.78
CA ALA D 19 -24.24 7.89 -4.12
C ALA D 19 -25.14 8.52 -5.13
N GLY D 20 -24.67 9.47 -5.94
CA GLY D 20 -25.42 10.32 -6.74
C GLY D 20 -25.49 9.75 -8.04
N ALA D 21 -26.44 10.22 -8.85
CA ALA D 21 -26.70 9.56 -10.11
C ALA D 21 -25.51 9.66 -11.10
N ASP D 22 -24.67 10.64 -10.86
CA ASP D 22 -23.54 10.91 -11.69
C ASP D 22 -22.22 10.12 -11.40
N GLY D 23 -22.20 9.14 -10.49
CA GLY D 23 -20.91 8.62 -9.96
C GLY D 23 -20.38 9.35 -8.73
N ALA D 24 -21.04 10.37 -8.24
CA ALA D 24 -20.57 11.11 -7.09
C ALA D 24 -20.79 10.38 -5.79
N LEU D 25 -19.83 10.44 -4.88
CA LEU D 25 -20.02 10.16 -3.48
C LEU D 25 -19.85 11.43 -2.69
N THR D 26 -20.77 11.69 -1.78
CA THR D 26 -20.72 12.81 -0.82
C THR D 26 -21.15 12.36 0.54
N GLY D 27 -20.71 13.01 1.55
CA GLY D 27 -21.15 12.69 2.92
C GLY D 27 -20.19 13.15 3.98
N THR D 28 -20.24 12.42 5.11
CA THR D 28 -19.45 12.75 6.26
C THR D 28 -18.82 11.49 6.83
N TYR D 29 -17.71 11.67 7.53
CA TYR D 29 -17.01 10.60 8.20
C TYR D 29 -16.76 11.04 9.59
N GLU D 30 -17.03 10.20 10.58
CA GLU D 30 -16.91 10.60 11.97
C GLU D 30 -16.48 9.45 12.87
N SER D 31 -16.27 9.78 14.22
CA SER D 31 -15.98 8.81 15.26
C SER D 31 -17.19 8.16 15.80
N ALA D 32 -17.00 7.02 16.45
CA ALA D 32 -18.09 6.34 17.19
C ALA D 32 -18.72 7.21 18.30
N VAL D 33 -17.98 8.21 18.82
CA VAL D 33 -18.45 9.10 19.87
C VAL D 33 -19.53 10.05 19.39
N GLY D 34 -19.44 10.41 18.08
CA GLY D 34 -20.53 11.18 17.46
C GLY D 34 -20.51 12.69 17.70
N ASN D 35 -19.41 13.18 18.26
CA ASN D 35 -19.25 14.56 18.52
C ASN D 35 -18.92 15.33 17.23
N ALA D 36 -19.33 16.57 17.13
CA ALA D 36 -19.09 17.41 15.94
C ALA D 36 -17.58 17.58 15.68
N GLU D 37 -16.78 17.63 16.70
CA GLU D 37 -15.36 17.88 16.51
C GLU D 37 -14.68 16.71 15.77
N SER D 38 -15.36 15.55 15.71
N SER D 38 -15.32 15.54 15.73
CA SER D 38 -14.84 14.32 15.11
CA SER D 38 -14.72 14.39 15.10
C SER D 38 -15.45 14.05 13.71
C SER D 38 -15.44 14.06 13.74
N ARG D 39 -16.20 15.00 13.20
CA ARG D 39 -16.93 14.84 11.93
C ARG D 39 -16.30 15.66 10.80
N TYR D 40 -16.09 15.01 9.66
CA TYR D 40 -15.34 15.60 8.54
C TYR D 40 -16.08 15.35 7.22
N VAL D 41 -15.90 16.24 6.26
CA VAL D 41 -16.47 16.06 4.96
C VAL D 41 -15.73 14.97 4.17
N LEU D 42 -16.46 14.23 3.33
CA LEU D 42 -15.84 13.39 2.33
C LEU D 42 -16.42 13.61 0.99
N THR D 43 -15.64 13.19 0.01
N THR D 43 -15.59 13.51 -0.08
CA THR D 43 -16.11 13.19 -1.34
CA THR D 43 -16.10 13.33 -1.47
C THR D 43 -15.39 12.12 -2.10
C THR D 43 -15.40 12.15 -2.11
N GLY D 44 -16.03 11.55 -3.12
CA GLY D 44 -15.44 10.48 -3.87
C GLY D 44 -16.26 10.15 -5.11
N ARG D 45 -15.93 8.98 -5.68
CA ARG D 45 -16.54 8.56 -6.93
C ARG D 45 -16.78 7.05 -6.86
N TYR D 46 -17.81 6.58 -7.61
CA TYR D 46 -18.05 5.16 -7.73
C TYR D 46 -18.44 4.85 -9.15
N ASP D 47 -18.31 3.60 -9.54
CA ASP D 47 -18.75 3.10 -10.86
C ASP D 47 -20.28 2.99 -10.83
N SER D 48 -20.96 3.91 -11.57
CA SER D 48 -22.40 3.93 -11.59
C SER D 48 -22.99 2.91 -12.56
N ALA D 49 -22.19 2.10 -13.24
CA ALA D 49 -22.71 1.07 -14.11
C ALA D 49 -21.79 -0.14 -14.01
N PRO D 50 -21.85 -0.85 -12.86
CA PRO D 50 -20.94 -1.96 -12.64
C PRO D 50 -21.22 -3.11 -13.62
N ALA D 51 -20.28 -4.02 -13.72
CA ALA D 51 -20.52 -5.22 -14.45
C ALA D 51 -21.66 -6.00 -13.89
N THR D 52 -22.21 -6.89 -14.75
CA THR D 52 -23.36 -7.77 -14.42
C THR D 52 -22.98 -9.19 -14.28
N ASP D 53 -21.74 -9.46 -13.94
CA ASP D 53 -21.16 -10.78 -13.92
C ASP D 53 -20.93 -11.30 -12.50
N GLY D 54 -21.42 -10.60 -11.50
CA GLY D 54 -21.14 -10.95 -10.13
C GLY D 54 -20.11 -10.12 -9.40
N SER D 55 -19.37 -9.32 -10.16
CA SER D 55 -18.31 -8.46 -9.63
C SER D 55 -18.86 -7.37 -8.76
N GLY D 56 -18.04 -6.89 -7.84
CA GLY D 56 -18.39 -5.72 -6.98
C GLY D 56 -18.36 -4.42 -7.80
N THR D 57 -18.65 -3.36 -7.07
CA THR D 57 -18.72 -2.01 -7.63
C THR D 57 -17.54 -1.20 -7.11
N ALA D 58 -16.66 -0.81 -8.02
CA ALA D 58 -15.44 -0.05 -7.60
C ALA D 58 -15.81 1.34 -7.14
N LEU D 59 -15.05 1.85 -6.15
N LEU D 59 -15.07 1.84 -6.14
CA LEU D 59 -15.32 3.16 -5.56
CA LEU D 59 -15.34 3.16 -5.57
C LEU D 59 -14.11 3.65 -4.75
C LEU D 59 -14.06 3.67 -4.89
N GLY D 60 -14.11 4.94 -4.49
CA GLY D 60 -13.07 5.51 -3.63
C GLY D 60 -13.58 6.81 -3.06
N TRP D 61 -12.99 7.21 -1.93
CA TRP D 61 -13.30 8.54 -1.39
C TRP D 61 -12.12 9.07 -0.57
N THR D 62 -12.19 10.40 -0.29
CA THR D 62 -11.16 11.09 0.46
C THR D 62 -11.79 11.83 1.61
N VAL D 63 -11.10 11.87 2.74
CA VAL D 63 -11.34 12.80 3.84
C VAL D 63 -10.05 13.53 4.14
N ALA D 64 -10.08 14.87 4.07
CA ALA D 64 -9.04 15.70 4.66
C ALA D 64 -9.37 15.97 6.07
N TRP D 65 -8.44 15.70 7.01
CA TRP D 65 -8.68 15.78 8.43
C TRP D 65 -8.61 17.18 9.04
N LYS D 66 -9.37 18.06 8.38
N LYS D 66 -9.35 18.08 8.38
CA LYS D 66 -9.64 19.37 8.87
CA LYS D 66 -9.55 19.48 8.78
C LYS D 66 -11.10 19.56 8.91
C LYS D 66 -11.04 19.74 8.82
N ASN D 67 -11.55 20.18 9.99
CA ASN D 67 -12.94 20.63 10.07
C ASN D 67 -12.89 21.97 10.78
N ASN D 68 -14.05 22.43 11.28
CA ASN D 68 -14.08 23.74 11.94
C ASN D 68 -13.37 23.73 13.28
N TYR D 69 -13.04 22.55 13.85
CA TYR D 69 -12.53 22.39 15.22
C TYR D 69 -11.07 21.98 15.28
N ARG D 70 -10.60 21.24 14.27
CA ARG D 70 -9.31 20.52 14.37
C ARG D 70 -8.66 20.45 12.99
N ASN D 71 -7.33 20.36 12.98
CA ASN D 71 -6.58 20.13 11.70
C ASN D 71 -5.41 19.29 11.98
N ALA D 72 -5.41 18.10 11.45
CA ALA D 72 -4.29 17.18 11.56
C ALA D 72 -3.33 17.28 10.39
N HIS D 73 -3.53 18.19 9.47
CA HIS D 73 -2.64 18.34 8.32
C HIS D 73 -2.40 16.99 7.63
N SER D 74 -3.51 16.30 7.33
N SER D 74 -3.50 16.30 7.34
CA SER D 74 -3.47 14.87 6.91
CA SER D 74 -3.40 14.96 6.76
C SER D 74 -4.71 14.62 6.06
C SER D 74 -4.70 14.65 6.04
N ALA D 75 -4.66 13.59 5.20
CA ALA D 75 -5.83 13.16 4.44
C ALA D 75 -5.77 11.68 4.24
N THR D 76 -6.92 11.01 4.27
CA THR D 76 -7.00 9.59 3.94
C THR D 76 -7.81 9.37 2.69
N THR D 77 -7.36 8.45 1.84
CA THR D 77 -8.15 7.91 0.76
C THR D 77 -8.46 6.49 0.97
N TRP D 78 -9.70 6.09 0.70
CA TRP D 78 -10.12 4.69 0.72
C TRP D 78 -10.41 4.27 -0.70
N SER D 79 -9.85 3.14 -1.13
CA SER D 79 -10.09 2.58 -2.45
C SER D 79 -10.65 1.18 -2.26
N GLY D 80 -11.76 0.84 -2.91
CA GLY D 80 -12.30 -0.46 -2.65
C GLY D 80 -13.47 -0.80 -3.56
N GLN D 81 -14.28 -1.73 -3.06
CA GLN D 81 -15.47 -2.12 -3.82
C GLN D 81 -16.57 -2.45 -2.86
N TYR D 82 -17.78 -2.11 -3.36
CA TYR D 82 -19.03 -2.49 -2.75
C TYR D 82 -19.43 -3.84 -3.29
N VAL D 83 -19.79 -4.70 -2.34
CA VAL D 83 -20.29 -6.04 -2.63
C VAL D 83 -21.71 -6.16 -2.09
N GLY D 84 -22.61 -6.39 -3.00
CA GLY D 84 -24.01 -6.34 -2.64
C GLY D 84 -24.49 -7.69 -2.22
N GLY D 85 -25.79 -7.75 -1.98
CA GLY D 85 -26.43 -9.01 -1.71
C GLY D 85 -26.67 -9.27 -0.25
N ALA D 86 -26.76 -10.55 0.08
CA ALA D 86 -27.19 -11.05 1.38
C ALA D 86 -26.83 -10.15 2.53
N GLU D 87 -25.57 -9.74 2.60
CA GLU D 87 -25.15 -8.73 3.56
C GLU D 87 -24.21 -7.75 2.83
N ALA D 88 -24.62 -6.50 2.72
CA ALA D 88 -23.84 -5.63 1.91
C ALA D 88 -22.53 -5.26 2.67
N ARG D 89 -21.45 -5.03 1.93
CA ARG D 89 -20.17 -4.67 2.59
C ARG D 89 -19.40 -3.78 1.61
N ILE D 90 -18.56 -2.92 2.17
CA ILE D 90 -17.57 -2.20 1.33
C ILE D 90 -16.22 -2.59 1.89
N ASN D 91 -15.44 -3.23 1.02
CA ASN D 91 -14.06 -3.65 1.40
C ASN D 91 -13.10 -2.64 0.81
N THR D 92 -12.20 -2.12 1.67
CA THR D 92 -11.27 -1.07 1.23
C THR D 92 -9.86 -1.30 1.71
N GLN D 93 -8.92 -0.62 1.08
N GLN D 93 -8.96 -0.73 0.89
CA GLN D 93 -7.61 -0.38 1.64
CA GLN D 93 -7.57 -0.39 1.24
C GLN D 93 -7.48 1.12 1.54
C GLN D 93 -7.49 1.14 1.47
N TRP D 94 -6.68 1.66 2.42
CA TRP D 94 -6.61 3.10 2.58
C TRP D 94 -5.16 3.54 2.70
N LEU D 95 -4.95 4.81 2.34
CA LEU D 95 -3.68 5.54 2.46
C LEU D 95 -3.91 6.80 3.23
N LEU D 96 -3.13 7.07 4.26
N LEU D 96 -3.18 7.03 4.32
CA LEU D 96 -3.25 8.28 5.06
CA LEU D 96 -3.24 8.28 5.08
C LEU D 96 -1.92 9.02 4.93
C LEU D 96 -1.90 9.00 4.87
N THR D 97 -1.95 10.18 4.24
CA THR D 97 -0.74 11.02 4.07
C THR D 97 -0.83 12.19 5.01
N SER D 98 0.23 12.42 5.74
CA SER D 98 0.40 13.66 6.52
C SER D 98 1.36 14.60 5.82
N GLY D 99 1.13 15.90 5.92
CA GLY D 99 2.16 16.82 5.43
C GLY D 99 3.48 16.63 6.16
N THR D 100 4.55 16.58 5.40
CA THR D 100 5.89 16.46 5.97
C THR D 100 6.79 17.42 5.23
N THR D 101 7.94 17.67 5.85
CA THR D 101 9.04 18.25 5.14
C THR D 101 9.53 17.22 4.11
N GLU D 102 10.40 17.67 3.21
CA GLU D 102 10.95 16.75 2.23
C GLU D 102 11.81 15.69 2.87
N ALA D 103 12.57 16.05 3.91
CA ALA D 103 13.41 15.07 4.56
C ALA D 103 12.63 13.96 5.23
N ASN D 104 11.38 14.26 5.63
CA ASN D 104 10.53 13.30 6.25
C ASN D 104 9.49 12.62 5.35
N ALA D 105 9.58 12.86 4.08
CA ALA D 105 8.53 12.41 3.20
C ALA D 105 8.46 10.90 3.13
N TRP D 106 9.58 10.23 3.37
CA TRP D 106 9.58 8.79 3.36
C TRP D 106 8.65 8.17 4.39
N LYS D 107 8.34 8.90 5.46
CA LYS D 107 7.46 8.45 6.49
C LYS D 107 6.11 9.20 6.49
N SER D 108 5.71 9.73 5.36
CA SER D 108 4.46 10.50 5.28
C SER D 108 3.19 9.68 5.22
N THR D 109 3.26 8.40 4.83
CA THR D 109 2.02 7.71 4.40
C THR D 109 1.82 6.38 5.11
N LEU D 110 0.73 6.26 5.84
CA LEU D 110 0.30 5.01 6.41
C LEU D 110 -0.61 4.26 5.47
N VAL D 111 -0.63 2.92 5.56
CA VAL D 111 -1.55 2.09 4.79
C VAL D 111 -2.27 1.17 5.70
N GLY D 112 -3.51 0.84 5.34
CA GLY D 112 -4.29 -0.13 6.12
C GLY D 112 -5.46 -0.57 5.29
N HIS D 113 -6.36 -1.28 5.97
CA HIS D 113 -7.57 -1.82 5.37
C HIS D 113 -8.74 -1.70 6.30
N ASP D 114 -9.88 -1.25 5.75
CA ASP D 114 -11.13 -1.10 6.48
C ASP D 114 -12.22 -1.86 5.77
N THR D 115 -13.04 -2.55 6.56
N THR D 115 -13.04 -2.55 6.56
CA THR D 115 -14.26 -3.19 6.01
CA THR D 115 -14.25 -3.20 5.97
C THR D 115 -15.46 -2.52 6.67
C THR D 115 -15.47 -2.55 6.66
N PHE D 116 -16.41 -2.11 5.82
CA PHE D 116 -17.60 -1.38 6.27
C PHE D 116 -18.83 -2.25 6.07
N THR D 117 -19.69 -2.12 7.10
N THR D 117 -19.71 -2.27 7.05
CA THR D 117 -20.96 -2.82 7.14
CA THR D 117 -21.00 -2.88 6.80
C THR D 117 -22.06 -1.84 7.44
C THR D 117 -22.03 -1.93 7.44
N LYS D 118 -23.31 -2.22 7.18
CA LYS D 118 -24.42 -1.34 7.64
C LYS D 118 -24.80 -1.62 9.05
N VAL D 119 -24.18 -2.61 9.68
CA VAL D 119 -24.38 -2.79 11.08
C VAL D 119 -23.12 -2.31 11.80
N LYS D 120 -23.26 -1.89 13.03
CA LYS D 120 -22.12 -1.59 13.88
C LYS D 120 -21.30 -2.88 14.15
N PRO D 121 -20.01 -2.76 14.38
CA PRO D 121 -19.17 -3.95 14.61
C PRO D 121 -19.47 -4.60 15.96
C1 T21 E . 12.37 2.36 3.07
C6 T21 E . 15.06 2.79 6.20
C5 T21 E . 12.02 2.27 4.42
C3 T21 E . 14.32 2.68 4.97
C14 T21 E . 12.37 2.84 11.89
C11 T21 E . 14.82 2.63 11.41
C10 T21 E . 15.89 2.51 10.51
C9 T21 E . 15.65 2.50 9.15
C8 T21 E . 14.35 2.60 8.67
F3 T21 E . 12.80 3.36 13.02
F1 T21 E . 11.87 1.63 12.12
F2 T21 E . 11.44 3.62 11.37
C12 T21 E . 13.52 2.72 10.93
C13 T21 E . 13.29 2.71 9.56
C7 T21 E . 14.09 2.58 7.20
C2 T21 E . 14.63 2.76 3.62
O2 T21 E . 15.90 3.01 3.22
N T21 E . 13.64 2.60 2.71
O1 T21 E . 12.97 2.40 6.65
C4 T21 E . 13.03 2.43 5.34
C1 T21 F . -1.03 -13.00 -0.37
C6 T21 F . -0.56 -16.52 -2.53
C5 T21 F . -0.58 -13.06 -1.69
C3 T21 F . -0.80 -15.44 -1.60
C14 T21 F . 1.04 -15.59 -8.55
C11 T21 F . 0.99 -17.79 -7.35
C10 T21 F . 0.80 -18.54 -6.19
C9 T21 F . 0.44 -17.91 -5.01
C8 T21 F . 0.27 -16.53 -4.97
F3 T21 F . 0.96 -16.38 -9.62
F1 T21 F . 2.23 -15.02 -8.52
F2 T21 F . 0.11 -14.66 -8.63
C12 T21 F . 0.82 -16.41 -7.31
C13 T21 F . 0.47 -15.78 -6.12
C7 T21 F . -0.11 -15.86 -3.70
C2 T21 F . -1.24 -15.35 -0.29
O2 T21 F . -1.57 -16.48 0.41
N T21 F . -1.34 -14.13 0.29
O1 T21 F . -0.08 -14.61 -3.49
C4 T21 F . -0.48 -14.31 -2.26
C1 T21 G . -2.20 5.91 -11.51
C6 T21 G . -4.35 6.01 -15.05
C5 T21 G . -3.15 4.96 -11.87
C3 T21 G . -3.50 6.19 -13.91
C14 T21 G . -7.99 0.95 -15.96
C11 T21 G . -8.02 3.06 -17.30
C10 T21 G . -7.57 4.37 -17.55
C9 T21 G . -6.62 4.94 -16.72
C8 T21 G . -6.10 4.22 -15.65
F3 T21 G . -8.45 0.42 -17.08
F1 T21 G . -8.96 0.99 -15.07
F2 T21 G . -6.99 0.23 -15.51
C12 T21 G . -7.51 2.35 -16.22
C13 T21 G . -6.55 2.93 -15.40
C7 T21 G . -5.08 4.83 -14.77
C2 T21 G . -2.54 7.10 -13.50
O2 T21 G . -2.24 8.17 -14.30
N T21 G . -1.91 6.95 -12.32
O1 T21 G . -4.71 4.38 -13.64
C4 T21 G . -3.78 5.13 -13.08
C1 T21 H . -8.59 4.69 8.23
C6 T21 H . -9.90 7.56 10.89
C5 T21 H . -7.79 5.77 8.59
C3 T21 H . -9.70 6.44 10.05
C14 T21 H . -5.45 11.77 11.88
C11 T21 H . -7.78 12.06 12.61
C10 T21 H . -9.07 11.60 12.70
C9 T21 H . -9.41 10.38 12.13
C8 T21 H . -8.43 9.58 11.50
F3 T21 H . -5.11 12.63 12.85
F1 T21 H . -5.10 12.32 10.74
F2 T21 H . -4.58 10.81 11.93
C12 T21 H . -6.84 11.30 11.95
C13 T21 H . -7.13 10.05 11.38
C7 T21 H . -8.75 8.29 10.85
C2 T21 H . -10.40 5.29 9.68
O2 T21 H . -11.65 5.06 10.12
N T21 H . -9.85 4.46 8.79
O1 T21 H . -7.88 7.74 10.02
C4 T21 H . -8.38 6.60 9.50
#